data_6Y7J
#
_entry.id   6Y7J
#
_cell.length_a   74.110
_cell.length_b   118.690
_cell.length_c   28.330
_cell.angle_alpha   90.000
_cell.angle_beta   90.000
_cell.angle_gamma   90.000
#
_symmetry.space_group_name_H-M   'P 21 21 2'
#
loop_
_entity.id
_entity.type
_entity.pdbx_description
1 polymer 'Bromodomain-containing protein 9'
2 non-polymer 1-[8-(2,5-dimethoxyphenyl)pyrrolo[1,2-a]pyrimidin-6-yl]ethanone
3 non-polymer 'ACETATE ION'
4 non-polymer 'CHLORIDE ION'
5 water water
#
_entity_poly.entity_id   1
_entity_poly.type   'polypeptide(L)'
_entity_poly.pdbx_seq_one_letter_code
;LKLSAENESTPIQQLLEHFLRQLQRKDPHGFFAFPVTDAIAPGYSMIIKHPMDFGTMKDKIVANEYKSVTEFKADFKLMC
DNAMTYNRPDTVYYKLAKKILHAGFKMMSKERLLALKRSMS
;
_entity_poly.pdbx_strand_id   A,B
#
loop_
_chem_comp.id
_chem_comp.type
_chem_comp.name
_chem_comp.formula
ACT non-polymer 'ACETATE ION' 'C2 H3 O2 -1'
CL non-polymer 'CHLORIDE ION' 'Cl -1'
OF5 non-polymer 1-[8-(2,5-dimethoxyphenyl)pyrrolo[1,2-a]pyrimidin-6-yl]ethanone 'C17 H16 N2 O3'
#
# COMPACT_ATOMS: atom_id res chain seq x y z
N SER A 9 -8.08 22.42 6.00
CA SER A 9 -7.31 21.84 7.14
C SER A 9 -6.81 22.89 8.16
N THR A 10 -6.65 22.49 9.42
CA THR A 10 -6.10 23.36 10.45
C THR A 10 -4.61 23.12 10.64
N PRO A 11 -3.91 24.02 11.35
CA PRO A 11 -2.51 23.82 11.59
C PRO A 11 -2.19 22.51 12.35
N ILE A 12 -3.02 22.17 13.35
CA ILE A 12 -2.80 20.91 14.12
C ILE A 12 -3.01 19.71 13.21
N GLN A 13 -4.06 19.72 12.42
CA GLN A 13 -4.29 18.65 11.46
C GLN A 13 -3.14 18.52 10.44
N GLN A 14 -2.53 19.63 10.00
CA GLN A 14 -1.36 19.54 9.10
C GLN A 14 -0.17 18.83 9.75
N LEU A 15 0.09 19.18 11.00
CA LEU A 15 1.19 18.62 11.72
C LEU A 15 1.03 17.11 11.95
N LEU A 16 -0.16 16.68 12.32
CA LEU A 16 -0.43 15.24 12.63
C LEU A 16 -0.44 14.43 11.33
N GLU A 17 -0.99 15.01 10.25
CA GLU A 17 -0.89 14.37 8.94
C GLU A 17 0.53 14.15 8.50
N HIS A 18 1.43 15.07 8.82
CA HIS A 18 2.84 14.92 8.48
C HIS A 18 3.51 13.77 9.27
N PHE A 19 3.26 13.70 10.60
CA PHE A 19 3.83 12.63 11.43
C PHE A 19 3.29 11.27 10.91
N LEU A 20 2.01 11.20 10.61
CA LEU A 20 1.38 10.00 10.11
C LEU A 20 2.01 9.54 8.79
N ARG A 21 2.17 10.46 7.84
CA ARG A 21 2.85 10.09 6.59
C ARG A 21 4.27 9.56 6.80
N GLN A 22 5.05 10.17 7.70
CA GLN A 22 6.39 9.63 8.03
C GLN A 22 6.36 8.24 8.62
N LEU A 23 5.39 7.95 9.47
CA LEU A 23 5.26 6.62 10.05
C LEU A 23 4.86 5.58 8.97
N GLN A 24 3.90 5.93 8.12
CA GLN A 24 3.43 5.04 7.03
C GLN A 24 4.53 4.71 6.02
N ARG A 25 5.48 5.61 5.86
CA ARG A 25 6.63 5.31 4.98
C ARG A 25 7.43 4.10 5.43
N LYS A 26 7.35 3.74 6.71
CA LYS A 26 8.05 2.57 7.24
C LYS A 26 7.33 1.25 6.94
N ASP A 27 6.09 1.34 6.46
CA ASP A 27 5.17 0.19 6.18
C ASP A 27 4.66 0.32 4.74
N PRO A 28 5.58 0.17 3.78
CA PRO A 28 5.13 0.42 2.39
C PRO A 28 4.07 -0.52 1.83
N HIS A 29 3.93 -1.71 2.40
CA HIS A 29 2.86 -2.66 2.02
C HIS A 29 1.56 -2.53 2.82
N GLY A 30 1.45 -1.57 3.75
CA GLY A 30 0.17 -1.32 4.39
C GLY A 30 -0.33 -2.42 5.34
N PHE A 31 0.58 -3.15 5.97
CA PHE A 31 0.17 -4.16 6.93
C PHE A 31 -0.43 -3.53 8.21
N PHE A 32 -0.04 -2.29 8.49
CA PHE A 32 -0.57 -1.53 9.64
C PHE A 32 -1.66 -0.51 9.23
N ALA A 33 -2.12 -0.52 7.99
CA ALA A 33 -3.05 0.50 7.47
C ALA A 33 -4.54 0.10 7.52
N PHE A 34 -4.83 -1.12 7.96
CA PHE A 34 -6.24 -1.59 8.06
C PHE A 34 -6.39 -2.44 9.31
N PRO A 35 -7.59 -2.55 9.86
CA PRO A 35 -7.76 -3.45 11.04
C PRO A 35 -7.40 -4.92 10.77
N VAL A 36 -6.77 -5.59 11.75
CA VAL A 36 -6.42 -7.01 11.61
C VAL A 36 -7.66 -7.89 11.85
N THR A 37 -8.02 -8.74 10.90
CA THR A 37 -9.18 -9.63 11.06
C THR A 37 -8.78 -10.96 11.72
N ASP A 38 -9.76 -11.64 12.36
CA ASP A 38 -9.53 -12.98 12.92
C ASP A 38 -9.27 -14.05 11.87
N ALA A 39 -9.71 -13.81 10.63
CA ALA A 39 -9.45 -14.71 9.54
C ALA A 39 -7.99 -14.75 9.18
N ILE A 40 -7.31 -13.61 9.27
CA ILE A 40 -5.84 -13.65 8.94
C ILE A 40 -4.95 -13.85 10.16
N ALA A 41 -5.49 -13.58 11.35
CA ALA A 41 -4.79 -13.70 12.64
C ALA A 41 -5.69 -14.39 13.67
N PRO A 42 -5.63 -15.76 13.74
CA PRO A 42 -6.51 -16.48 14.67
C PRO A 42 -6.51 -15.96 16.11
N GLY A 43 -7.71 -15.83 16.66
CA GLY A 43 -7.84 -15.34 18.01
C GLY A 43 -7.52 -13.88 18.30
N TYR A 44 -7.27 -13.08 17.26
CA TYR A 44 -6.88 -11.69 17.45
C TYR A 44 -7.83 -10.91 18.36
N SER A 45 -9.15 -10.98 18.11
CA SER A 45 -10.14 -10.18 18.82
C SER A 45 -10.35 -10.59 20.29
N MET A 46 -9.89 -11.78 20.65
CA MET A 46 -9.92 -12.16 22.06
C MET A 46 -8.67 -11.77 22.83
N ILE A 47 -7.51 -11.69 22.16
CA ILE A 47 -6.23 -11.35 22.76
C ILE A 47 -6.04 -9.82 22.88
N ILE A 48 -6.43 -9.11 21.82
CA ILE A 48 -6.19 -7.68 21.70
C ILE A 48 -7.56 -6.98 21.92
N LYS A 49 -7.72 -6.31 23.05
CA LYS A 49 -8.99 -5.78 23.44
C LYS A 49 -9.23 -4.36 22.88
N HIS A 50 -8.16 -3.68 22.43
CA HIS A 50 -8.18 -2.27 21.99
C HIS A 50 -7.45 -2.10 20.66
N PRO A 51 -8.09 -2.60 19.57
CA PRO A 51 -7.40 -2.53 18.26
C PRO A 51 -7.09 -1.11 17.77
N MET A 52 -6.02 -0.98 16.97
CA MET A 52 -5.62 0.33 16.39
C MET A 52 -4.83 0.07 15.08
N ASP A 53 -4.97 0.97 14.10
CA ASP A 53 -4.27 0.93 12.82
C ASP A 53 -4.15 2.38 12.27
N PHE A 54 -3.29 2.58 11.24
CA PHE A 54 -3.05 3.87 10.68
C PHE A 54 -4.30 4.47 9.97
N GLY A 55 -5.16 3.61 9.40
CA GLY A 55 -6.42 4.06 8.74
C GLY A 55 -7.37 4.69 9.75
N THR A 56 -7.55 4.00 10.90
CA THR A 56 -8.31 4.53 12.00
C THR A 56 -7.73 5.86 12.50
N MET A 57 -6.40 5.97 12.60
CA MET A 57 -5.79 7.22 13.04
C MET A 57 -6.08 8.38 12.04
N LYS A 58 -5.97 8.08 10.77
CA LYS A 58 -6.25 9.09 9.69
C LYS A 58 -7.70 9.60 9.81
N ASP A 59 -8.63 8.68 9.99
CA ASP A 59 -10.04 9.07 10.24
C ASP A 59 -10.20 10.01 11.44
N LYS A 60 -9.50 9.73 12.53
CA LYS A 60 -9.55 10.57 13.71
C LYS A 60 -8.97 11.97 13.49
N ILE A 61 -7.88 12.06 12.73
CA ILE A 61 -7.38 13.36 12.33
C ILE A 61 -8.45 14.13 11.54
N VAL A 62 -9.02 13.49 10.52
CA VAL A 62 -10.02 14.14 9.65
C VAL A 62 -11.23 14.62 10.44
N ALA A 63 -11.66 13.86 11.47
CA ALA A 63 -12.73 14.29 12.37
C ALA A 63 -12.31 15.28 13.45
N ASN A 64 -11.09 15.82 13.35
CA ASN A 64 -10.48 16.61 14.41
C ASN A 64 -10.66 16.03 15.82
N GLU A 65 -10.59 14.69 15.92
CA GLU A 65 -10.78 13.99 17.21
C GLU A 65 -9.54 13.98 18.10
N TYR A 66 -8.37 14.42 17.61
CA TYR A 66 -7.19 14.56 18.45
C TYR A 66 -7.09 16.02 18.88
N LYS A 67 -6.93 16.26 20.18
CA LYS A 67 -6.70 17.57 20.76
C LYS A 67 -5.25 17.96 21.02
N SER A 68 -4.34 16.99 21.00
CA SER A 68 -2.93 17.23 21.28
C SER A 68 -2.12 16.15 20.56
N VAL A 69 -0.82 16.42 20.40
CA VAL A 69 0.15 15.44 19.89
C VAL A 69 0.26 14.24 20.85
N THR A 70 0.15 14.53 22.15
CA THR A 70 0.10 13.46 23.15
C THR A 70 -0.98 12.43 22.84
N GLU A 71 -2.19 12.86 22.46
CA GLU A 71 -3.30 11.95 22.14
C GLU A 71 -3.04 11.09 20.87
N PHE A 72 -2.48 11.74 19.87
CA PHE A 72 -2.01 11.05 18.65
C PHE A 72 -0.92 9.98 18.94
N LYS A 73 0.10 10.34 19.72
CA LYS A 73 1.20 9.49 20.04
C LYS A 73 0.73 8.26 20.84
N ALA A 74 -0.29 8.47 21.71
CA ALA A 74 -0.86 7.34 22.45
C ALA A 74 -1.42 6.23 21.52
N ASP A 75 -2.07 6.65 20.42
CA ASP A 75 -2.62 5.69 19.44
C ASP A 75 -1.47 4.99 18.71
N PHE A 76 -0.42 5.74 18.38
CA PHE A 76 0.77 5.12 17.71
C PHE A 76 1.37 4.02 18.63
N LYS A 77 1.58 4.36 19.90
CA LYS A 77 2.07 3.38 20.89
C LYS A 77 1.21 2.13 21.03
N LEU A 78 -0.12 2.37 21.07
CA LEU A 78 -1.09 1.26 21.13
C LEU A 78 -1.00 0.26 19.94
N MET A 79 -0.91 0.82 18.72
CA MET A 79 -0.79 0.00 17.52
CA MET A 79 -0.80 -0.02 17.51
C MET A 79 0.49 -0.85 17.59
N CYS A 80 1.59 -0.25 18.02
CA CYS A 80 2.87 -1.03 18.18
C CYS A 80 2.79 -2.10 19.26
N ASP A 81 2.23 -1.74 20.43
CA ASP A 81 2.10 -2.70 21.52
C ASP A 81 1.27 -3.90 21.10
N ASN A 82 0.12 -3.66 20.44
CA ASN A 82 -0.69 -4.79 19.98
C ASN A 82 0.11 -5.76 19.08
N ALA A 83 0.87 -5.22 18.13
CA ALA A 83 1.63 -6.06 17.21
C ALA A 83 2.75 -6.84 17.93
N MET A 84 3.37 -6.22 18.94
CA MET A 84 4.45 -6.88 19.74
C MET A 84 3.94 -7.87 20.77
N THR A 85 2.63 -7.88 21.03
CA THR A 85 2.01 -8.73 22.03
C THR A 85 1.37 -9.94 21.36
N TYR A 86 0.61 -9.68 20.28
CA TYR A 86 0.04 -10.77 19.48
C TYR A 86 1.05 -11.65 18.76
N ASN A 87 1.99 -11.02 18.03
CA ASN A 87 2.91 -11.74 17.14
C ASN A 87 4.20 -12.18 17.85
N ARG A 88 4.72 -13.31 17.41
CA ARG A 88 6.00 -13.83 18.00
C ARG A 88 7.17 -13.00 17.45
N PRO A 89 8.26 -12.91 18.22
CA PRO A 89 9.44 -12.11 17.80
C PRO A 89 10.04 -12.38 16.43
N ASP A 90 9.95 -13.61 15.95
CA ASP A 90 10.49 -13.98 14.67
C ASP A 90 9.69 -13.47 13.47
N THR A 91 8.50 -12.94 13.67
CA THR A 91 7.65 -12.60 12.54
C THR A 91 7.97 -11.25 11.88
N VAL A 92 7.57 -11.09 10.60
CA VAL A 92 7.65 -9.81 9.92
C VAL A 92 6.95 -8.66 10.70
N TYR A 93 5.78 -8.96 11.23
CA TYR A 93 4.91 -7.99 11.89
C TYR A 93 5.51 -7.45 13.19
N TYR A 94 6.12 -8.34 14.00
CA TYR A 94 6.81 -7.90 15.23
C TYR A 94 8.00 -6.98 14.88
N LYS A 95 8.82 -7.38 13.90
CA LYS A 95 9.97 -6.56 13.53
C LYS A 95 9.60 -5.22 12.93
N LEU A 96 8.53 -5.20 12.13
CA LEU A 96 8.05 -3.93 11.56
CA LEU A 96 8.03 -3.93 11.55
C LEU A 96 7.47 -2.99 12.63
N ALA A 97 6.73 -3.54 13.56
CA ALA A 97 6.27 -2.73 14.73
C ALA A 97 7.42 -2.05 15.45
N LYS A 98 8.50 -2.81 15.72
CA LYS A 98 9.64 -2.22 16.41
CA LYS A 98 9.68 -2.25 16.40
C LYS A 98 10.29 -1.07 15.60
N LYS A 99 10.39 -1.25 14.26
CA LYS A 99 10.88 -0.23 13.33
CA LYS A 99 10.87 -0.23 13.35
C LYS A 99 10.04 1.04 13.36
N ILE A 100 8.72 0.87 13.31
CA ILE A 100 7.80 2.00 13.42
C ILE A 100 7.91 2.74 14.81
N LEU A 101 7.99 1.94 15.85
CA LEU A 101 8.11 2.43 17.21
C LEU A 101 9.35 3.36 17.33
N HIS A 102 10.52 2.86 16.92
CA HIS A 102 11.75 3.71 17.07
C HIS A 102 11.65 4.98 16.24
N ALA A 103 11.11 4.91 15.04
CA ALA A 103 10.95 6.09 14.21
C ALA A 103 10.05 7.13 14.85
N GLY A 104 8.88 6.67 15.35
CA GLY A 104 7.91 7.57 15.99
C GLY A 104 8.51 8.26 17.22
N PHE A 105 9.25 7.52 18.04
CA PHE A 105 9.87 8.14 19.25
C PHE A 105 10.97 9.13 18.92
N LYS A 106 11.73 8.90 17.82
CA LYS A 106 12.68 9.93 17.36
C LYS A 106 11.94 11.18 16.84
N MET A 107 10.96 11.00 15.99
CA MET A 107 10.22 12.13 15.36
C MET A 107 9.41 13.00 16.37
N MET A 108 8.83 12.38 17.42
CA MET A 108 7.96 13.04 18.40
C MET A 108 8.65 13.01 19.77
N SER A 109 9.99 13.03 19.81
CA SER A 109 10.73 13.12 21.07
C SER A 109 10.34 14.36 21.88
N LYS A 110 10.44 14.28 23.21
CA LYS A 110 10.00 15.45 23.99
C LYS A 110 10.83 16.70 23.63
N GLU A 111 12.09 16.50 23.24
CA GLU A 111 12.97 17.56 22.78
C GLU A 111 12.51 18.22 21.47
N ARG A 112 12.17 17.41 20.45
CA ARG A 112 11.67 17.97 19.19
C ARG A 112 10.40 18.72 19.39
N LEU A 113 9.52 18.19 20.21
CA LEU A 113 8.27 18.85 20.49
C LEU A 113 8.46 20.19 21.24
N LEU A 114 9.51 20.28 22.05
CA LEU A 114 9.74 21.50 22.82
C LEU A 114 10.22 22.63 21.89
N ALA A 115 11.21 22.31 21.06
CA ALA A 115 11.73 23.18 20.00
C ALA A 115 10.64 23.74 19.08
N LEU A 116 9.77 22.85 18.61
CA LEU A 116 8.62 23.28 17.83
C LEU A 116 7.68 24.23 18.58
N LYS A 117 7.46 23.97 19.89
CA LYS A 117 6.63 24.88 20.70
C LYS A 117 7.30 26.29 20.79
N ARG A 118 8.63 26.31 20.73
CA ARG A 118 9.41 27.54 20.73
C ARG A 118 9.35 28.31 19.42
N SER A 119 9.49 27.61 18.30
CA SER A 119 9.20 28.14 16.95
C SER A 119 7.90 28.88 16.78
N MET A 120 6.90 28.58 17.60
CA MET A 120 5.68 29.39 17.71
C MET A 120 5.77 30.72 18.48
N SER A 121 6.92 31.08 19.04
CA SER A 121 7.03 32.39 19.71
C SER A 121 7.17 33.51 18.62
N GLU B 8 5.04 18.18 -18.32
CA GLU B 8 5.62 16.88 -17.90
C GLU B 8 5.03 15.66 -18.64
N SER B 9 3.75 15.69 -19.01
CA SER B 9 3.07 14.51 -19.59
C SER B 9 2.36 14.77 -20.95
N THR B 10 2.21 13.74 -21.77
CA THR B 10 1.47 13.81 -23.03
C THR B 10 0.03 13.30 -22.84
N PRO B 11 -0.84 13.55 -23.81
CA PRO B 11 -2.18 13.04 -23.73
C PRO B 11 -2.27 11.51 -23.64
N ILE B 12 -1.44 10.80 -24.42
CA ILE B 12 -1.48 9.30 -24.36
C ILE B 12 -1.00 8.81 -22.99
N GLN B 13 0.07 9.42 -22.49
CA GLN B 13 0.55 9.11 -21.17
C GLN B 13 -0.49 9.39 -20.07
N GLN B 14 -1.29 10.46 -20.20
CA GLN B 14 -2.38 10.74 -19.22
C GLN B 14 -3.43 9.63 -19.20
N LEU B 15 -3.81 9.15 -20.38
CA LEU B 15 -4.82 8.13 -20.49
C LEU B 15 -4.36 6.80 -19.83
N LEU B 16 -3.11 6.41 -20.09
CA LEU B 16 -2.60 5.14 -19.59
C LEU B 16 -2.34 5.22 -18.08
N GLU B 17 -1.84 6.37 -17.62
CA GLU B 17 -1.72 6.63 -16.19
C GLU B 17 -3.04 6.53 -15.46
N HIS B 18 -4.13 6.93 -16.08
CA HIS B 18 -5.46 6.82 -15.49
C HIS B 18 -5.89 5.34 -15.32
N PHE B 19 -5.71 4.54 -16.38
CA PHE B 19 -6.04 3.11 -16.30
C PHE B 19 -5.21 2.42 -15.23
N LEU B 20 -3.93 2.74 -15.21
CA LEU B 20 -3.00 2.17 -14.25
C LEU B 20 -3.40 2.52 -12.82
N ARG B 21 -3.73 3.79 -12.55
CA ARG B 21 -4.16 4.17 -11.20
C ARG B 21 -5.44 3.43 -10.77
N GLN B 22 -6.41 3.23 -11.66
CA GLN B 22 -7.61 2.43 -11.32
C GLN B 22 -7.26 0.98 -10.96
N LEU B 23 -6.31 0.40 -11.67
CA LEU B 23 -5.92 -0.99 -11.41
C LEU B 23 -5.14 -1.07 -10.07
N GLN B 24 -4.22 -0.15 -9.83
CA GLN B 24 -3.42 -0.13 -8.58
C GLN B 24 -4.27 0.09 -7.32
N ARG B 25 -5.40 0.76 -7.49
CA ARG B 25 -6.31 0.94 -6.35
C ARG B 25 -6.82 -0.40 -5.82
N LYS B 26 -6.86 -1.41 -6.68
CA LYS B 26 -7.35 -2.71 -6.32
C LYS B 26 -6.27 -3.58 -5.60
N ASP B 27 -5.05 -3.07 -5.48
CA ASP B 27 -3.90 -3.74 -4.83
C ASP B 27 -3.36 -2.82 -3.71
N PRO B 28 -4.16 -2.68 -2.66
CA PRO B 28 -3.75 -1.73 -1.58
C PRO B 28 -2.48 -2.09 -0.87
N HIS B 29 -2.10 -3.39 -0.88
CA HIS B 29 -0.81 -3.78 -0.22
C HIS B 29 0.43 -3.73 -1.13
N GLY B 30 0.24 -3.40 -2.43
CA GLY B 30 1.37 -3.25 -3.30
C GLY B 30 2.08 -4.57 -3.64
N PHE B 31 1.33 -5.68 -3.65
CA PHE B 31 1.94 -6.96 -4.02
C PHE B 31 2.32 -7.00 -5.53
N PHE B 32 1.67 -6.15 -6.35
CA PHE B 32 1.93 -6.05 -7.79
C PHE B 32 2.74 -4.77 -8.16
N ALA B 33 3.24 -4.05 -7.13
CA ALA B 33 3.80 -2.72 -7.36
C ALA B 33 5.28 -2.72 -7.79
N PHE B 34 6.00 -3.82 -7.60
CA PHE B 34 7.37 -3.91 -8.07
C PHE B 34 7.79 -5.37 -8.24
N PRO B 35 8.96 -5.60 -8.86
CA PRO B 35 9.24 -6.99 -9.31
C PRO B 35 9.30 -8.01 -8.22
N VAL B 36 8.81 -9.24 -8.46
CA VAL B 36 8.83 -10.31 -7.50
C VAL B 36 10.28 -10.86 -7.53
N THR B 37 11.01 -10.68 -6.43
CA THR B 37 12.42 -11.15 -6.36
C THR B 37 12.46 -12.59 -5.87
N ASP B 38 13.58 -13.31 -6.05
CA ASP B 38 13.70 -14.68 -5.51
C ASP B 38 13.78 -14.73 -3.99
N ALA B 39 14.18 -13.61 -3.37
CA ALA B 39 14.15 -13.53 -1.91
C ALA B 39 12.70 -13.49 -1.39
N ILE B 40 11.86 -12.79 -2.09
CA ILE B 40 10.39 -12.70 -1.74
C ILE B 40 9.67 -14.05 -2.02
N ALA B 41 10.03 -14.68 -3.12
CA ALA B 41 9.34 -15.88 -3.67
C ALA B 41 10.39 -16.86 -4.22
N PRO B 42 10.90 -17.76 -3.37
CA PRO B 42 11.89 -18.75 -3.89
C PRO B 42 11.50 -19.48 -5.13
N GLY B 43 12.44 -19.57 -6.06
CA GLY B 43 12.15 -20.19 -7.35
C GLY B 43 11.46 -19.39 -8.39
N TYR B 44 11.14 -18.12 -8.10
CA TYR B 44 10.36 -17.30 -9.04
C TYR B 44 10.99 -17.20 -10.44
N SER B 45 12.31 -16.91 -10.47
CA SER B 45 13.00 -16.69 -11.74
C SER B 45 13.17 -17.96 -12.55
N MET B 46 12.98 -19.12 -11.95
CA MET B 46 13.01 -20.40 -12.65
C MET B 46 11.67 -20.77 -13.28
N ILE B 47 10.57 -20.41 -12.61
CA ILE B 47 9.21 -20.75 -13.05
C ILE B 47 8.65 -19.77 -14.07
N ILE B 48 8.93 -18.48 -13.85
CA ILE B 48 8.33 -17.40 -14.66
C ILE B 48 9.40 -16.84 -15.64
N LYS B 49 9.21 -17.09 -16.91
CA LYS B 49 10.21 -16.68 -17.93
C LYS B 49 10.24 -15.17 -18.25
N HIS B 50 9.08 -14.50 -18.15
CA HIS B 50 8.93 -13.08 -18.55
C HIS B 50 8.13 -12.28 -17.44
N PRO B 51 8.83 -11.93 -16.37
CA PRO B 51 8.19 -11.12 -15.31
C PRO B 51 7.64 -9.76 -15.72
N MET B 52 6.57 -9.33 -15.03
CA MET B 52 5.95 -8.00 -15.22
C MET B 52 5.31 -7.52 -13.89
N ASP B 53 5.24 -6.20 -13.70
CA ASP B 53 4.69 -5.56 -12.48
C ASP B 53 4.21 -4.14 -12.85
N PHE B 54 3.40 -3.52 -11.98
CA PHE B 54 2.84 -2.19 -12.29
C PHE B 54 3.95 -1.09 -12.29
N GLY B 55 5.00 -1.23 -11.50
CA GLY B 55 6.14 -0.27 -11.49
C GLY B 55 6.88 -0.24 -12.81
N THR B 56 7.16 -1.42 -13.37
CA THR B 56 7.67 -1.55 -14.73
C THR B 56 6.75 -0.98 -15.77
N MET B 57 5.43 -1.19 -15.63
CA MET B 57 4.49 -0.59 -16.60
C MET B 57 4.52 0.96 -16.53
N LYS B 58 4.60 1.50 -15.33
CA LYS B 58 4.68 2.98 -15.14
C LYS B 58 5.97 3.52 -15.82
N ASP B 59 7.09 2.86 -15.61
CA ASP B 59 8.34 3.22 -16.32
C ASP B 59 8.21 3.19 -17.84
N LYS B 60 7.50 2.20 -18.38
CA LYS B 60 7.25 2.14 -19.81
C LYS B 60 6.37 3.26 -20.33
N ILE B 61 5.36 3.64 -19.56
CA ILE B 61 4.58 4.83 -19.87
C ILE B 61 5.51 6.06 -19.92
N VAL B 62 6.32 6.27 -18.89
CA VAL B 62 7.21 7.43 -18.78
C VAL B 62 8.21 7.48 -19.96
N ALA B 63 8.68 6.33 -20.43
CA ALA B 63 9.53 6.25 -21.63
C ALA B 63 8.74 6.29 -22.96
N ASN B 64 7.47 6.62 -22.91
CA ASN B 64 6.55 6.49 -24.05
C ASN B 64 6.69 5.19 -24.86
N GLU B 65 6.93 4.08 -24.16
CA GLU B 65 7.15 2.77 -24.80
C GLU B 65 5.88 2.04 -25.23
N TYR B 66 4.68 2.53 -24.88
CA TYR B 66 3.44 1.90 -25.37
C TYR B 66 2.95 2.67 -26.56
N LYS B 67 2.60 1.95 -27.63
CA LYS B 67 2.03 2.54 -28.86
C LYS B 67 0.50 2.46 -28.94
N SER B 68 -0.12 1.57 -28.15
CA SER B 68 -1.56 1.41 -28.13
CA SER B 68 -1.58 1.43 -28.12
C SER B 68 -2.00 0.91 -26.75
N VAL B 69 -3.29 1.00 -26.49
CA VAL B 69 -3.92 0.42 -25.28
C VAL B 69 -3.80 -1.12 -25.35
N THR B 70 -3.91 -1.66 -26.56
CA THR B 70 -3.68 -3.09 -26.78
C THR B 70 -2.33 -3.56 -26.20
N GLU B 71 -1.25 -2.82 -26.41
CA GLU B 71 0.06 -3.17 -25.88
C GLU B 71 0.17 -3.06 -24.35
N PHE B 72 -0.47 -2.04 -23.79
CA PHE B 72 -0.59 -1.88 -22.32
C PHE B 72 -1.37 -3.04 -21.69
N LYS B 73 -2.52 -3.41 -22.28
CA LYS B 73 -3.35 -4.50 -21.83
C LYS B 73 -2.57 -5.84 -21.82
N ALA B 74 -1.72 -6.03 -22.82
CA ALA B 74 -0.93 -7.25 -22.92
C ALA B 74 0.03 -7.41 -21.73
N ASP B 75 0.65 -6.31 -21.29
CA ASP B 75 1.52 -6.29 -20.13
C ASP B 75 0.71 -6.61 -18.84
N PHE B 76 -0.49 -6.01 -18.74
CA PHE B 76 -1.37 -6.24 -17.56
C PHE B 76 -1.74 -7.75 -17.48
N LYS B 77 -2.12 -8.34 -18.63
CA LYS B 77 -2.48 -9.74 -18.72
C LYS B 77 -1.30 -10.64 -18.37
N LEU B 78 -0.10 -10.29 -18.84
CA LEU B 78 1.12 -11.04 -18.47
C LEU B 78 1.38 -11.07 -16.96
N MET B 79 1.29 -9.91 -16.31
CA MET B 79 1.45 -9.81 -14.84
CA MET B 79 1.43 -9.83 -14.85
C MET B 79 0.45 -10.77 -14.13
N CYS B 80 -0.82 -10.76 -14.56
CA CYS B 80 -1.85 -11.60 -13.92
C CYS B 80 -1.65 -13.09 -14.23
N ASP B 81 -1.34 -13.40 -15.48
CA ASP B 81 -1.10 -14.82 -15.88
C ASP B 81 0.11 -15.36 -15.09
N ASN B 82 1.19 -14.59 -14.97
CA ASN B 82 2.32 -15.07 -14.19
C ASN B 82 1.90 -15.43 -12.71
N ALA B 83 1.14 -14.55 -12.05
CA ALA B 83 0.69 -14.78 -10.71
C ALA B 83 -0.21 -16.01 -10.57
N MET B 84 -1.06 -16.26 -11.59
CA MET B 84 -1.92 -17.44 -11.63
C MET B 84 -1.20 -18.75 -11.99
N THR B 85 0.06 -18.66 -12.39
CA THR B 85 0.91 -19.82 -12.68
C THR B 85 1.81 -20.18 -11.52
N TYR B 86 2.59 -19.19 -11.01
CA TYR B 86 3.51 -19.42 -9.90
C TYR B 86 2.84 -19.80 -8.58
N ASN B 87 1.79 -19.07 -8.19
CA ASN B 87 1.17 -19.22 -6.90
C ASN B 87 0.04 -20.28 -6.92
N ARG B 88 -0.09 -21.01 -5.80
CA ARG B 88 -1.19 -21.99 -5.66
C ARG B 88 -2.55 -21.24 -5.62
N PRO B 89 -3.59 -21.87 -6.17
CA PRO B 89 -4.95 -21.28 -6.09
C PRO B 89 -5.44 -20.82 -4.75
N ASP B 90 -5.01 -21.45 -3.65
CA ASP B 90 -5.50 -21.02 -2.34
C ASP B 90 -4.88 -19.73 -1.83
N THR B 91 -3.81 -19.22 -2.47
CA THR B 91 -3.15 -18.06 -1.91
C THR B 91 -3.79 -16.70 -2.23
N VAL B 92 -3.46 -15.68 -1.39
CA VAL B 92 -3.91 -14.31 -1.64
C VAL B 92 -3.52 -13.78 -3.02
N TYR B 93 -2.28 -14.10 -3.46
CA TYR B 93 -1.76 -13.57 -4.70
C TYR B 93 -2.52 -14.10 -5.94
N TYR B 94 -2.79 -15.41 -5.95
CA TYR B 94 -3.60 -15.99 -7.03
C TYR B 94 -5.01 -15.36 -7.09
N LYS B 95 -5.68 -15.25 -5.92
CA LYS B 95 -7.06 -14.78 -5.89
C LYS B 95 -7.12 -13.29 -6.32
N LEU B 96 -6.14 -12.49 -5.90
CA LEU B 96 -6.07 -11.08 -6.29
C LEU B 96 -5.84 -10.90 -7.78
N ALA B 97 -4.88 -11.69 -8.33
CA ALA B 97 -4.66 -11.64 -9.77
C ALA B 97 -5.91 -11.96 -10.61
N LYS B 98 -6.68 -12.98 -10.20
CA LYS B 98 -7.89 -13.34 -10.92
C LYS B 98 -8.94 -12.17 -10.91
N LYS B 99 -9.08 -11.56 -9.73
CA LYS B 99 -10.03 -10.43 -9.54
C LYS B 99 -9.64 -9.23 -10.39
N ILE B 100 -8.34 -8.87 -10.35
CA ILE B 100 -7.95 -7.68 -11.07
C ILE B 100 -7.86 -7.92 -12.57
N LEU B 101 -7.53 -9.14 -13.03
CA LEU B 101 -7.57 -9.41 -14.49
C LEU B 101 -8.98 -9.11 -15.05
N HIS B 102 -10.00 -9.64 -14.39
CA HIS B 102 -11.38 -9.48 -14.94
C HIS B 102 -11.81 -7.98 -14.92
N ALA B 103 -11.45 -7.29 -13.84
CA ALA B 103 -11.76 -5.87 -13.72
C ALA B 103 -11.07 -5.05 -14.80
N GLY B 104 -9.79 -5.29 -15.03
CA GLY B 104 -9.03 -4.60 -16.06
C GLY B 104 -9.58 -4.77 -17.44
N PHE B 105 -9.98 -5.99 -17.79
CA PHE B 105 -10.53 -6.18 -19.12
C PHE B 105 -11.97 -5.62 -19.30
N LYS B 106 -12.74 -5.51 -18.21
CA LYS B 106 -14.00 -4.77 -18.27
C LYS B 106 -13.74 -3.27 -18.43
N MET B 107 -12.83 -2.70 -17.66
CA MET B 107 -12.49 -1.26 -17.74
C MET B 107 -11.94 -0.81 -19.13
N MET B 108 -11.13 -1.66 -19.77
CA MET B 108 -10.50 -1.43 -21.06
C MET B 108 -11.10 -2.29 -22.22
N SER B 109 -12.39 -2.62 -22.13
CA SER B 109 -13.08 -3.42 -23.16
C SER B 109 -13.09 -2.72 -24.54
N LYS B 110 -13.20 -3.49 -25.61
CA LYS B 110 -13.21 -2.93 -26.96
C LYS B 110 -14.31 -1.89 -27.12
N GLU B 111 -15.47 -2.14 -26.49
CA GLU B 111 -16.60 -1.22 -26.47
C GLU B 111 -16.27 0.14 -25.78
N ARG B 112 -15.70 0.09 -24.58
CA ARG B 112 -15.35 1.33 -23.88
C ARG B 112 -14.32 2.14 -24.65
N LEU B 113 -13.37 1.44 -25.25
CA LEU B 113 -12.37 2.09 -26.02
C LEU B 113 -12.93 2.73 -27.29
N LEU B 114 -14.01 2.18 -27.83
CA LEU B 114 -14.60 2.73 -29.05
C LEU B 114 -15.26 4.10 -28.77
N ALA B 115 -16.08 4.16 -27.74
CA ALA B 115 -16.69 5.40 -27.22
C ALA B 115 -15.66 6.53 -26.97
N LEU B 116 -14.59 6.18 -26.26
CA LEU B 116 -13.53 7.12 -26.04
C LEU B 116 -12.86 7.61 -27.35
N LYS B 117 -12.70 6.72 -28.33
CA LYS B 117 -12.15 7.09 -29.65
C LYS B 117 -13.10 8.09 -30.36
N ARG B 118 -14.40 7.97 -30.06
CA ARG B 118 -15.43 8.87 -30.61
C ARG B 118 -15.41 10.25 -29.97
N SER B 119 -15.28 10.31 -28.64
CA SER B 119 -14.96 11.56 -27.92
C SER B 119 -13.76 12.39 -28.47
N MET B 120 -12.79 11.72 -29.09
CA MET B 120 -11.58 12.26 -29.74
C MET B 120 -10.41 12.42 -28.72
CAC OF5 C . -0.43 -5.78 12.22
CAB OF5 C . -0.44 -7.28 12.22
OAA OF5 C . -0.32 -7.81 13.36
CAD OF5 C . -0.71 -7.97 11.02
CAE OF5 C . -1.04 -7.45 9.78
NAV OF5 C . -0.77 -9.32 10.86
CAU OF5 C . -0.56 -10.33 11.85
CAT OF5 C . -0.71 -11.65 11.44
CAS OF5 C . -0.97 -11.95 10.07
NAR OF5 C . -1.23 -10.91 9.16
CAQ OF5 C . -1.12 -9.60 9.56
CAF OF5 C . -1.25 -8.45 8.90
CAG OF5 C . -1.64 -8.31 7.52
CAH OF5 C . -1.04 -9.03 6.47
CAI OF5 C . -1.36 -8.82 5.11
OAJ OF5 C . -0.75 -9.52 4.09
CAK OF5 C . 0.43 -10.32 4.39
CAL OF5 C . -2.38 -7.96 4.77
CAM OF5 C . -3.05 -7.25 5.73
CAN OF5 C . -2.65 -7.37 7.11
OAO OF5 C . -3.33 -6.75 8.12
CAP OF5 C . -4.10 -5.59 7.81
CAC OF5 D . 2.74 -11.07 -7.24
CAB OF5 D . 3.26 -12.21 -6.43
OAA OF5 D . 3.26 -13.35 -6.99
CAD OF5 D . 3.78 -12.00 -5.16
CAE OF5 D . 4.01 -10.79 -4.47
NAV OF5 D . 4.17 -12.95 -4.27
CAU OF5 D . 4.21 -14.35 -4.35
CAT OF5 D . 4.69 -15.08 -3.29
CAS OF5 D . 5.15 -14.49 -2.13
NAR OF5 D . 5.10 -13.09 -2.10
CAQ OF5 D . 4.62 -12.36 -3.13
CAF OF5 D . 4.55 -11.00 -3.27
CAG OF5 D . 4.90 -9.99 -2.28
CAH OF5 D . 4.62 -10.19 -0.91
CAI OF5 D . 4.92 -9.17 0.05
OAJ OF5 D . 4.73 -9.25 1.38
CAK OF5 D . 4.06 -10.36 1.95
CAL OF5 D . 5.57 -8.02 -0.37
CAM OF5 D . 5.90 -7.82 -1.68
CAN OF5 D . 5.55 -8.80 -2.62
OAO OF5 D . 5.89 -8.64 -3.95
CAP OF5 D . 6.27 -7.36 -4.49
C ACT E . 6.32 -19.33 -17.99
O ACT E . 5.39 -19.67 -17.29
OXT ACT E . 6.81 -18.21 -17.82
CH3 ACT E . 6.91 -20.31 -18.97
CL CL F . 15.68 -19.03 -5.69
#